data_1DR5
#
_entry.id   1DR5
#
_cell.length_a   89.150
_cell.length_b   48.270
_cell.length_c   64.170
_cell.angle_alpha   90.00
_cell.angle_beta   124.80
_cell.angle_gamma   90.00
#
_symmetry.space_group_name_H-M   'C 1 2 1'
#
loop_
_entity.id
_entity.type
_entity.pdbx_description
1 polymer 'DIHYDROFOLATE REDUCTASE'
2 non-polymer 'MERCURY (II) ION'
3 non-polymer 'CALCIUM ION'
4 non-polymer 'NADP NICOTINAMIDE-ADENINE-DINUCLEOTIDE PHOSPHATE'
5 water water
#
_entity_poly.entity_id   1
_entity_poly.type   'polypeptide(L)'
_entity_poly.pdbx_seq_one_letter_code
;VRSLNSIVAVCQNMGIGKDGNLPWPPLRNEYKYFQRMTSTSHVEGKQNAVIMGKKTWFSIPEKNRPLKDRINIVLSRELK
EAPKGAHYLSKSLDDALALLDSPELKSKVDMVWIVGGTAVYKAAMEKPINHRLFVTRILHEFESDTFFPEIDYKDFKLLT
EYPGVPADIQEEDGIQYKFEVYQKSVLAQ
;
_entity_poly.pdbx_strand_id   A
#
# COMPACT_ATOMS: atom_id res chain seq x y z
N VAL A 1 -4.07 10.13 -13.59
CA VAL A 1 -4.71 9.10 -12.76
C VAL A 1 -5.79 9.78 -11.92
N ARG A 2 -6.96 9.18 -11.94
CA ARG A 2 -8.14 9.66 -11.27
C ARG A 2 -8.11 9.59 -9.76
N SER A 3 -7.46 8.55 -9.21
CA SER A 3 -7.46 8.38 -7.74
C SER A 3 -6.42 7.36 -7.32
N LEU A 4 -6.03 7.46 -6.05
CA LEU A 4 -5.05 6.52 -5.49
C LEU A 4 -5.74 5.71 -4.38
N ASN A 5 -5.10 4.60 -4.11
CA ASN A 5 -5.43 3.76 -2.95
C ASN A 5 -4.08 3.48 -2.24
N SER A 6 -4.15 3.46 -0.96
CA SER A 6 -3.01 3.14 -0.07
C SER A 6 -3.57 2.07 0.89
N ILE A 7 -2.69 1.17 1.23
CA ILE A 7 -3.06 0.10 2.17
C ILE A 7 -1.90 -0.05 3.16
N VAL A 8 -2.25 -0.16 4.42
CA VAL A 8 -1.16 -0.30 5.42
C VAL A 8 -1.68 -1.12 6.59
N ALA A 9 -0.76 -1.75 7.29
CA ALA A 9 -1.14 -2.41 8.58
C ALA A 9 -0.41 -1.61 9.67
N VAL A 10 -1.09 -1.16 10.69
CA VAL A 10 -0.47 -0.41 11.78
C VAL A 10 -0.83 -0.98 13.14
N CYS A 11 0.15 -0.81 14.05
CA CYS A 11 -0.17 -1.21 15.43
C CYS A 11 -0.49 0.03 16.21
N GLN A 12 -0.57 -0.16 17.51
CA GLN A 12 -0.97 0.89 18.42
C GLN A 12 -0.18 2.15 18.41
N ASN A 13 1.10 2.09 18.18
CA ASN A 13 1.83 3.40 18.14
C ASN A 13 1.96 3.89 16.71
N MET A 14 1.15 3.42 15.79
CA MET A 14 1.27 3.78 14.38
C MET A 14 2.54 3.23 13.76
N GLY A 15 3.08 2.20 14.35
CA GLY A 15 4.31 1.55 13.84
C GLY A 15 3.92 0.64 12.67
N ILE A 16 4.80 0.60 11.68
CA ILE A 16 4.60 -0.25 10.51
C ILE A 16 5.71 -1.22 10.23
N GLY A 17 6.81 -1.12 10.96
CA GLY A 17 7.97 -2.01 10.70
C GLY A 17 9.03 -1.93 11.79
N LYS A 18 9.89 -2.94 11.73
CA LYS A 18 11.02 -3.05 12.70
C LYS A 18 12.11 -3.84 12.02
N ASP A 19 13.32 -3.32 12.08
CA ASP A 19 14.49 -4.04 11.53
C ASP A 19 14.29 -4.54 10.11
N GLY A 20 13.64 -3.77 9.26
CA GLY A 20 13.47 -4.15 7.88
C GLY A 20 12.32 -5.08 7.63
N ASN A 21 11.53 -5.37 8.65
CA ASN A 21 10.37 -6.25 8.47
C ASN A 21 9.19 -5.73 9.25
N LEU A 22 8.16 -6.55 9.37
CA LEU A 22 6.96 -6.18 10.17
C LEU A 22 7.23 -6.41 11.66
N PRO A 23 6.53 -5.62 12.46
CA PRO A 23 6.65 -5.72 13.92
C PRO A 23 6.01 -6.95 14.48
N TRP A 24 5.05 -7.58 13.82
CA TRP A 24 4.37 -8.78 14.38
C TRP A 24 4.69 -10.02 13.58
N PRO A 25 4.54 -11.17 14.21
CA PRO A 25 4.66 -12.45 13.51
C PRO A 25 3.48 -12.47 12.51
N PRO A 26 3.51 -13.47 11.64
CA PRO A 26 2.54 -13.51 10.54
C PRO A 26 1.13 -13.73 10.98
N LEU A 27 0.24 -12.99 10.37
CA LEU A 27 -1.22 -13.09 10.49
C LEU A 27 -1.70 -13.48 9.07
N ARG A 28 -2.18 -14.67 8.94
CA ARG A 28 -2.67 -15.27 7.68
C ARG A 28 -3.73 -14.46 6.97
N ASN A 29 -4.80 -14.11 7.65
CA ASN A 29 -5.92 -13.35 7.16
C ASN A 29 -5.61 -11.94 6.78
N GLU A 30 -4.77 -11.28 7.52
CA GLU A 30 -4.34 -9.88 7.16
C GLU A 30 -3.67 -9.93 5.79
N TYR A 31 -2.76 -10.89 5.68
CA TYR A 31 -1.99 -11.14 4.47
C TYR A 31 -2.86 -11.39 3.24
N LYS A 32 -3.80 -12.29 3.37
CA LYS A 32 -4.73 -12.65 2.28
C LYS A 32 -5.53 -11.41 1.88
N TYR A 33 -5.79 -10.58 2.86
CA TYR A 33 -6.56 -9.34 2.64
C TYR A 33 -5.77 -8.40 1.73
N PHE A 34 -4.49 -8.33 2.04
CA PHE A 34 -3.57 -7.42 1.30
C PHE A 34 -3.48 -7.88 -0.15
N GLN A 35 -3.27 -9.17 -0.29
CA GLN A 35 -3.21 -9.80 -1.62
C GLN A 35 -4.47 -9.57 -2.42
N ARG A 36 -5.58 -9.91 -1.82
CA ARG A 36 -6.91 -9.77 -2.49
C ARG A 36 -7.13 -8.33 -2.86
N MET A 37 -6.94 -7.42 -1.92
CA MET A 37 -7.12 -6.00 -2.21
C MET A 37 -6.22 -5.46 -3.28
N THR A 38 -4.91 -5.77 -3.25
CA THR A 38 -4.03 -5.17 -4.29
C THR A 38 -4.07 -5.85 -5.62
N SER A 39 -4.41 -7.12 -5.70
CA SER A 39 -4.46 -7.90 -6.94
C SER A 39 -5.77 -7.74 -7.72
N THR A 40 -6.89 -7.60 -7.07
CA THR A 40 -8.19 -7.55 -7.73
C THR A 40 -8.51 -6.28 -8.49
N SER A 41 -8.52 -6.41 -9.79
CA SER A 41 -8.88 -5.34 -10.74
C SER A 41 -10.34 -5.56 -11.15
N HIS A 42 -11.02 -4.49 -11.49
CA HIS A 42 -12.45 -4.64 -11.88
C HIS A 42 -12.62 -4.42 -13.37
N VAL A 43 -11.71 -4.99 -14.13
CA VAL A 43 -11.77 -4.77 -15.59
C VAL A 43 -10.95 -5.85 -16.25
N GLU A 44 -11.57 -6.48 -17.23
CA GLU A 44 -10.89 -7.58 -17.93
C GLU A 44 -9.73 -7.05 -18.74
N GLY A 45 -8.63 -7.80 -18.60
CA GLY A 45 -7.41 -7.53 -19.34
C GLY A 45 -6.56 -6.44 -18.73
N LYS A 46 -6.91 -5.95 -17.55
CA LYS A 46 -6.06 -4.93 -16.88
C LYS A 46 -5.50 -5.54 -15.61
N GLN A 47 -4.49 -4.87 -15.11
CA GLN A 47 -3.84 -5.32 -13.84
C GLN A 47 -3.71 -4.07 -12.97
N ASN A 48 -3.52 -4.33 -11.69
CA ASN A 48 -3.30 -3.24 -10.72
C ASN A 48 -1.78 -3.00 -10.70
N ALA A 49 -1.48 -1.78 -10.31
CA ALA A 49 -0.11 -1.33 -10.11
C ALA A 49 0.09 -1.06 -8.60
N VAL A 50 1.23 -1.53 -8.13
CA VAL A 50 1.69 -1.32 -6.76
C VAL A 50 2.97 -0.46 -6.82
N ILE A 51 2.97 0.57 -6.00
CA ILE A 51 4.15 1.45 -5.88
C ILE A 51 4.75 1.29 -4.49
N MET A 52 6.06 1.14 -4.44
CA MET A 52 6.67 0.96 -3.09
C MET A 52 8.08 1.52 -3.11
N GLY A 53 8.56 1.80 -1.92
CA GLY A 53 9.93 2.28 -1.70
C GLY A 53 10.88 1.08 -1.86
N LYS A 54 12.14 1.40 -1.77
CA LYS A 54 13.25 0.49 -2.03
C LYS A 54 13.38 -0.53 -0.91
N LYS A 55 13.26 0.01 0.29
CA LYS A 55 13.42 -0.85 1.48
C LYS A 55 12.27 -1.84 1.53
N THR A 56 11.07 -1.34 1.17
CA THR A 56 9.92 -2.23 1.14
C THR A 56 10.09 -3.34 0.11
N TRP A 57 10.51 -3.00 -1.10
CA TRP A 57 10.75 -3.99 -2.14
C TRP A 57 11.71 -5.09 -1.64
N PHE A 58 12.78 -4.64 -1.03
CA PHE A 58 13.82 -5.58 -0.55
C PHE A 58 13.33 -6.37 0.63
N SER A 59 12.24 -5.88 1.24
CA SER A 59 11.73 -6.65 2.41
C SER A 59 11.00 -7.89 1.91
N ILE A 60 10.67 -7.94 0.63
CA ILE A 60 9.94 -9.15 0.14
C ILE A 60 10.95 -10.25 -0.15
N PRO A 61 10.64 -11.43 0.35
CA PRO A 61 11.49 -12.62 0.07
C PRO A 61 11.68 -12.63 -1.46
N GLU A 62 12.92 -12.77 -1.84
CA GLU A 62 13.40 -12.72 -3.20
C GLU A 62 12.63 -13.62 -4.14
N LYS A 63 12.38 -14.84 -3.66
CA LYS A 63 11.67 -15.81 -4.50
C LYS A 63 10.25 -15.37 -4.72
N ASN A 64 9.75 -14.51 -3.86
CA ASN A 64 8.40 -13.97 -3.91
C ASN A 64 8.33 -12.66 -4.69
N ARG A 65 9.31 -12.29 -5.45
CA ARG A 65 9.22 -10.98 -6.17
C ARG A 65 9.15 -11.17 -7.68
N PRO A 66 8.49 -10.29 -8.42
CA PRO A 66 7.66 -9.19 -7.94
C PRO A 66 6.29 -9.75 -7.51
N LEU A 67 5.56 -8.93 -6.76
CA LEU A 67 4.22 -9.34 -6.33
C LEU A 67 3.47 -9.75 -7.63
N LYS A 68 3.12 -11.01 -7.65
CA LYS A 68 2.43 -11.68 -8.75
C LYS A 68 1.16 -10.94 -9.13
N ASP A 69 0.91 -10.88 -10.41
CA ASP A 69 -0.29 -10.34 -11.01
C ASP A 69 -0.46 -8.86 -10.85
N ARG A 70 0.63 -8.21 -10.49
CA ARG A 70 0.58 -6.74 -10.36
C ARG A 70 1.84 -6.20 -11.02
N ILE A 71 1.72 -4.99 -11.51
CA ILE A 71 2.91 -4.27 -12.06
C ILE A 71 3.59 -3.59 -10.85
N ASN A 72 4.77 -4.04 -10.53
CA ASN A 72 5.62 -3.54 -9.47
C ASN A 72 6.50 -2.36 -9.96
N ILE A 73 6.28 -1.24 -9.31
CA ILE A 73 7.07 -0.03 -9.51
C ILE A 73 7.78 0.28 -8.18
N VAL A 74 9.09 0.42 -8.28
CA VAL A 74 9.90 0.79 -7.10
C VAL A 74 10.40 2.22 -7.23
N LEU A 75 10.42 2.95 -6.14
CA LEU A 75 10.92 4.34 -6.14
C LEU A 75 12.31 4.35 -5.48
N SER A 76 13.23 5.06 -6.08
CA SER A 76 14.61 5.19 -5.56
C SER A 76 15.23 6.40 -6.30
N ARG A 77 15.91 7.16 -5.51
CA ARG A 77 16.71 8.30 -5.94
C ARG A 77 18.14 7.78 -6.21
N GLU A 78 18.51 6.62 -5.71
CA GLU A 78 19.80 6.02 -5.87
C GLU A 78 19.98 5.01 -6.96
N LEU A 79 19.02 4.15 -7.28
CA LEU A 79 19.23 3.13 -8.30
C LEU A 79 19.22 3.75 -9.69
N LYS A 80 19.97 3.04 -10.53
CA LYS A 80 20.16 3.40 -11.94
C LYS A 80 19.18 2.60 -12.82
N GLU A 81 18.89 1.40 -12.36
CA GLU A 81 17.98 0.47 -13.03
C GLU A 81 17.06 -0.21 -12.00
N ALA A 82 15.94 -0.68 -12.53
CA ALA A 82 14.95 -1.41 -11.73
C ALA A 82 15.68 -2.62 -11.14
N PRO A 83 15.43 -2.84 -9.86
CA PRO A 83 16.02 -4.01 -9.17
C PRO A 83 15.40 -5.23 -9.87
N LYS A 84 16.14 -6.29 -9.92
CA LYS A 84 15.78 -7.56 -10.55
C LYS A 84 14.42 -8.03 -10.06
N GLY A 85 13.51 -8.16 -11.02
CA GLY A 85 12.14 -8.60 -10.81
C GLY A 85 11.10 -7.49 -10.89
N ALA A 86 11.50 -6.27 -10.68
CA ALA A 86 10.61 -5.10 -10.71
C ALA A 86 10.35 -4.77 -12.19
N HIS A 87 9.17 -4.28 -12.43
CA HIS A 87 8.71 -3.83 -13.73
C HIS A 87 9.25 -2.45 -14.07
N TYR A 88 9.24 -1.52 -13.14
CA TYR A 88 9.69 -0.17 -13.42
C TYR A 88 10.31 0.46 -12.18
N LEU A 89 11.19 1.39 -12.48
CA LEU A 89 11.92 2.14 -11.42
C LEU A 89 11.56 3.60 -11.68
N SER A 90 11.26 4.32 -10.64
CA SER A 90 10.89 5.74 -10.77
C SER A 90 11.63 6.51 -9.68
N LYS A 91 11.97 7.73 -10.03
CA LYS A 91 12.74 8.60 -9.15
C LYS A 91 11.89 9.40 -8.22
N SER A 92 10.58 9.46 -8.44
CA SER A 92 9.68 10.15 -7.49
C SER A 92 8.26 9.61 -7.75
N LEU A 93 7.36 9.99 -6.86
CA LEU A 93 5.96 9.54 -7.01
C LEU A 93 5.40 10.16 -8.31
N ASP A 94 5.78 11.41 -8.48
CA ASP A 94 5.37 12.15 -9.68
C ASP A 94 5.74 11.40 -10.94
N ASP A 95 6.99 10.97 -10.99
CA ASP A 95 7.47 10.21 -12.16
C ASP A 95 6.64 8.96 -12.37
N ALA A 96 6.41 8.26 -11.27
CA ALA A 96 5.60 7.04 -11.29
C ALA A 96 4.22 7.41 -11.80
N LEU A 97 3.65 8.46 -11.23
CA LEU A 97 2.26 8.82 -11.67
C LEU A 97 2.25 9.07 -13.16
N ALA A 98 3.18 9.90 -13.57
CA ALA A 98 3.35 10.24 -15.00
C ALA A 98 3.44 8.96 -15.81
N LEU A 99 4.42 8.12 -15.47
CA LEU A 99 4.63 6.87 -16.21
C LEU A 99 3.33 6.13 -16.43
N LEU A 100 2.54 6.00 -15.38
CA LEU A 100 1.28 5.27 -15.39
C LEU A 100 0.32 5.83 -16.45
N ASP A 101 0.39 7.14 -16.61
CA ASP A 101 -0.46 7.84 -17.58
C ASP A 101 0.08 7.52 -18.99
N SER A 102 1.35 7.14 -19.03
CA SER A 102 1.96 6.79 -20.32
C SER A 102 0.99 5.87 -21.05
N PRO A 103 1.06 5.92 -22.37
CA PRO A 103 0.16 5.16 -23.25
C PRO A 103 0.32 3.67 -23.04
N GLU A 104 1.56 3.23 -23.05
CA GLU A 104 1.93 1.83 -22.87
C GLU A 104 1.25 1.22 -21.65
N LEU A 105 1.18 2.00 -20.59
CA LEU A 105 0.63 1.64 -19.31
C LEU A 105 -0.84 1.93 -19.15
N LYS A 106 -1.22 3.17 -19.40
CA LYS A 106 -2.58 3.63 -19.20
C LYS A 106 -3.60 2.56 -19.55
N SER A 107 -3.39 1.91 -20.67
CA SER A 107 -4.34 0.91 -21.17
C SER A 107 -4.33 -0.37 -20.40
N LYS A 108 -3.21 -0.71 -19.78
CA LYS A 108 -3.02 -1.96 -19.07
C LYS A 108 -3.28 -1.96 -17.59
N VAL A 109 -3.56 -0.77 -17.06
CA VAL A 109 -3.69 -0.59 -15.63
C VAL A 109 -5.03 -0.15 -15.13
N ASP A 110 -5.51 -0.91 -14.15
CA ASP A 110 -6.78 -0.63 -13.50
C ASP A 110 -6.53 0.29 -12.30
N MET A 111 -6.21 -0.30 -11.14
CA MET A 111 -5.96 0.44 -9.94
C MET A 111 -4.48 0.58 -9.57
N VAL A 112 -4.22 1.72 -8.93
CA VAL A 112 -2.94 2.10 -8.38
C VAL A 112 -3.00 2.02 -6.84
N TRP A 113 -2.12 1.19 -6.32
CA TRP A 113 -2.00 0.98 -4.87
C TRP A 113 -0.61 1.41 -4.39
N ILE A 114 -0.61 2.19 -3.35
CA ILE A 114 0.60 2.62 -2.66
C ILE A 114 0.78 1.62 -1.50
N VAL A 115 1.90 0.95 -1.47
CA VAL A 115 2.21 -0.02 -0.44
C VAL A 115 3.37 0.36 0.47
N GLY A 116 3.72 1.63 0.52
CA GLY A 116 4.71 2.14 1.51
C GLY A 116 6.15 2.10 0.99
N GLY A 117 7.08 2.48 1.86
CA GLY A 117 7.03 2.86 3.25
C GLY A 117 6.58 4.28 3.52
N THR A 118 7.03 4.80 4.65
CA THR A 118 6.68 6.10 5.23
C THR A 118 6.65 7.23 4.23
N ALA A 119 7.81 7.44 3.64
CA ALA A 119 7.98 8.52 2.64
C ALA A 119 7.01 8.36 1.48
N VAL A 120 6.76 7.13 1.05
CA VAL A 120 5.83 6.92 -0.09
C VAL A 120 4.40 7.26 0.32
N TYR A 121 4.05 6.80 1.51
CA TYR A 121 2.70 7.07 2.02
C TYR A 121 2.51 8.58 2.05
N LYS A 122 3.50 9.25 2.66
CA LYS A 122 3.44 10.68 2.84
C LYS A 122 3.20 11.48 1.57
N ALA A 123 4.02 11.18 0.59
CA ALA A 123 3.96 11.80 -0.73
C ALA A 123 2.55 11.63 -1.28
N ALA A 124 2.09 10.38 -1.34
CA ALA A 124 0.76 10.09 -1.92
C ALA A 124 -0.33 10.84 -1.19
N MET A 125 -0.23 10.90 0.13
CA MET A 125 -1.25 11.60 0.93
C MET A 125 -1.32 13.06 0.64
N GLU A 126 -0.20 13.65 0.30
CA GLU A 126 -0.16 15.07 -0.02
C GLU A 126 -0.68 15.43 -1.38
N LYS A 127 -0.74 14.52 -2.33
CA LYS A 127 -1.29 14.89 -3.67
C LYS A 127 -2.77 15.24 -3.49
N PRO A 128 -3.14 16.35 -4.12
CA PRO A 128 -4.53 16.84 -4.07
C PRO A 128 -5.31 16.04 -5.13
N ILE A 129 -5.46 14.76 -4.79
CA ILE A 129 -6.19 13.82 -5.64
C ILE A 129 -7.02 12.88 -4.75
N ASN A 130 -8.07 12.41 -5.37
CA ASN A 130 -9.00 11.46 -4.74
C ASN A 130 -8.15 10.28 -4.26
N HIS A 131 -8.43 9.94 -3.03
CA HIS A 131 -7.59 8.89 -2.38
C HIS A 131 -8.37 8.15 -1.31
N ARG A 132 -8.22 6.85 -1.36
CA ARG A 132 -8.77 5.93 -0.37
C ARG A 132 -7.62 5.21 0.36
N LEU A 133 -7.76 5.19 1.66
CA LEU A 133 -6.72 4.60 2.52
C LEU A 133 -7.35 3.46 3.30
N PHE A 134 -6.80 2.30 3.06
CA PHE A 134 -7.24 1.04 3.67
C PHE A 134 -6.20 0.73 4.79
N VAL A 135 -6.70 0.93 5.98
CA VAL A 135 -5.92 0.72 7.19
C VAL A 135 -6.39 -0.49 7.97
N THR A 136 -5.45 -1.35 8.34
CA THR A 136 -5.68 -2.45 9.28
C THR A 136 -5.11 -2.02 10.64
N ARG A 137 -5.95 -1.76 11.62
CA ARG A 137 -5.47 -1.37 12.95
C ARG A 137 -5.34 -2.59 13.86
N ILE A 138 -4.11 -2.91 14.18
CA ILE A 138 -3.82 -4.08 15.08
C ILE A 138 -3.83 -3.52 16.49
N LEU A 139 -4.76 -3.93 17.28
CA LEU A 139 -5.03 -3.43 18.62
C LEU A 139 -4.07 -3.94 19.69
N HIS A 140 -2.81 -3.82 19.43
CA HIS A 140 -1.73 -4.24 20.35
C HIS A 140 -0.52 -3.41 20.00
N GLU A 141 0.47 -3.42 20.88
CA GLU A 141 1.68 -2.62 20.67
C GLU A 141 2.85 -3.59 20.51
N PHE A 142 3.59 -3.36 19.44
CA PHE A 142 4.83 -4.12 19.19
C PHE A 142 5.91 -3.05 19.03
N GLU A 143 7.14 -3.43 19.31
CA GLU A 143 8.25 -2.47 19.12
C GLU A 143 8.40 -2.27 17.62
N SER A 144 8.47 -1.01 17.26
CA SER A 144 8.63 -0.56 15.88
C SER A 144 9.69 0.52 15.80
N ASP A 145 10.28 0.61 14.64
CA ASP A 145 11.30 1.65 14.40
C ASP A 145 10.89 2.48 13.19
N THR A 146 9.75 2.18 12.62
CA THR A 146 9.28 2.93 11.40
C THR A 146 7.80 3.20 11.63
N PHE A 147 7.35 4.38 11.30
CA PHE A 147 5.96 4.77 11.51
C PHE A 147 5.21 5.31 10.34
N PHE A 148 3.87 5.25 10.58
CA PHE A 148 2.94 5.75 9.53
C PHE A 148 2.90 7.26 9.73
N PRO A 149 2.91 7.98 8.63
CA PRO A 149 2.84 9.47 8.73
C PRO A 149 1.49 9.86 9.33
N GLU A 150 1.37 11.08 9.80
CA GLU A 150 0.12 11.60 10.35
C GLU A 150 -0.89 11.87 9.26
N ILE A 151 -2.08 11.33 9.46
CA ILE A 151 -3.20 11.50 8.51
C ILE A 151 -4.00 12.71 8.98
N ASP A 152 -4.33 13.58 8.05
CA ASP A 152 -5.14 14.76 8.29
C ASP A 152 -6.62 14.34 8.36
N TYR A 153 -7.11 14.20 9.57
CA TYR A 153 -8.46 13.83 9.86
C TYR A 153 -9.50 14.81 9.33
N LYS A 154 -9.06 15.91 8.80
CA LYS A 154 -9.97 16.91 8.19
C LYS A 154 -10.20 16.57 6.72
N ASP A 155 -9.21 15.95 6.11
CA ASP A 155 -9.27 15.56 4.70
C ASP A 155 -9.78 14.14 4.51
N PHE A 156 -9.19 13.26 5.30
CA PHE A 156 -9.50 11.83 5.23
C PHE A 156 -10.65 11.49 6.17
N LYS A 157 -11.83 11.25 5.63
CA LYS A 157 -12.99 10.88 6.44
C LYS A 157 -13.07 9.34 6.44
N LEU A 158 -13.26 8.88 7.64
CA LEU A 158 -13.39 7.43 7.91
C LEU A 158 -14.79 7.05 7.42
N LEU A 159 -14.87 6.06 6.58
CA LEU A 159 -16.20 5.56 6.15
C LEU A 159 -16.69 4.62 7.25
N THR A 160 -17.99 4.60 7.42
CA THR A 160 -18.59 3.72 8.44
C THR A 160 -18.82 2.34 7.86
N GLU A 161 -18.74 2.26 6.54
CA GLU A 161 -18.88 0.97 5.86
C GLU A 161 -18.35 1.06 4.44
N TYR A 162 -17.91 -0.10 3.99
CA TYR A 162 -17.37 -0.27 2.68
C TYR A 162 -17.47 -1.73 2.22
N PRO A 163 -17.91 -1.83 0.99
CA PRO A 163 -18.09 -3.08 0.28
C PRO A 163 -16.89 -4.02 0.27
N GLY A 164 -17.08 -5.11 0.98
CA GLY A 164 -16.11 -6.21 1.04
C GLY A 164 -15.14 -6.09 2.19
N VAL A 165 -15.36 -5.08 3.01
CA VAL A 165 -14.53 -4.86 4.20
C VAL A 165 -15.36 -5.14 5.43
N PRO A 166 -14.97 -6.23 6.09
CA PRO A 166 -15.68 -6.67 7.30
C PRO A 166 -15.69 -5.48 8.25
N ALA A 167 -16.75 -5.32 9.00
CA ALA A 167 -16.85 -4.16 9.92
C ALA A 167 -16.42 -4.45 11.33
N ASP A 168 -16.66 -5.65 11.79
CA ASP A 168 -16.37 -6.08 13.14
C ASP A 168 -14.84 -6.17 13.38
N ILE A 169 -14.52 -6.21 14.67
CA ILE A 169 -13.16 -6.49 15.10
C ILE A 169 -12.91 -7.98 14.75
N GLN A 170 -11.79 -8.20 14.13
CA GLN A 170 -11.33 -9.57 13.77
C GLN A 170 -10.34 -9.99 14.86
N GLU A 171 -10.11 -11.28 14.89
CA GLU A 171 -9.15 -11.89 15.81
C GLU A 171 -8.43 -13.03 15.05
N GLU A 172 -7.21 -13.21 15.38
CA GLU A 172 -6.34 -14.26 14.78
C GLU A 172 -5.09 -14.30 15.65
N ASP A 173 -4.65 -15.49 15.95
CA ASP A 173 -3.51 -15.79 16.77
C ASP A 173 -3.56 -14.97 18.07
N GLY A 174 -4.70 -14.84 18.64
CA GLY A 174 -4.91 -14.15 19.89
C GLY A 174 -4.76 -12.65 19.77
N ILE A 175 -4.61 -12.16 18.57
CA ILE A 175 -4.51 -10.71 18.29
C ILE A 175 -5.83 -10.25 17.64
N GLN A 176 -6.23 -9.06 18.03
CA GLN A 176 -7.38 -8.39 17.47
C GLN A 176 -6.95 -7.25 16.55
N TYR A 177 -7.72 -7.08 15.50
CA TYR A 177 -7.53 -5.95 14.60
C TYR A 177 -8.85 -5.58 13.95
N LYS A 178 -8.88 -4.39 13.36
CA LYS A 178 -10.04 -3.94 12.60
C LYS A 178 -9.57 -3.29 11.30
N PHE A 179 -10.39 -3.48 10.29
CA PHE A 179 -10.16 -2.82 8.99
C PHE A 179 -10.95 -1.50 9.01
N GLU A 180 -10.31 -0.50 8.50
CA GLU A 180 -10.86 0.83 8.33
C GLU A 180 -10.49 1.34 6.94
N VAL A 181 -11.40 2.17 6.44
CA VAL A 181 -11.26 2.84 5.19
C VAL A 181 -11.53 4.35 5.41
N TYR A 182 -10.61 5.14 4.93
CA TYR A 182 -10.76 6.61 4.98
C TYR A 182 -10.76 7.09 3.53
N GLN A 183 -11.43 8.22 3.37
CA GLN A 183 -11.58 8.74 1.99
C GLN A 183 -11.29 10.23 1.93
N LYS A 184 -10.48 10.55 0.93
CA LYS A 184 -10.22 11.99 0.69
C LYS A 184 -10.80 12.32 -0.69
N SER A 185 -11.63 13.32 -0.68
CA SER A 185 -12.30 13.83 -1.88
C SER A 185 -11.73 15.17 -2.31
N VAL A 186 -11.33 15.16 -3.57
CA VAL A 186 -10.84 16.37 -4.25
C VAL A 186 -11.80 16.62 -5.47
#